data_1JJF
#
_entry.id   1JJF
#
_cell.length_a   43.293
_cell.length_b   63.652
_cell.length_c   79.777
_cell.angle_alpha   90.00
_cell.angle_beta   90.00
_cell.angle_gamma   90.00
#
_symmetry.space_group_name_H-M   'P 21 21 21'
#
loop_
_entity.id
_entity.type
_entity.pdbx_description
1 polymer 'ENDO-1,4-BETA-XYLANASE Z'
2 non-polymer 'PLATINUM (II) ION'
3 water water
#
_entity_poly.entity_id   1
_entity_poly.type   'polypeptide(L)'
_entity_poly.pdbx_seq_one_letter_code
;LVTISSTSAASLPTMPPSGYDQVRNGVPRGQVVNISYFSTATNSTRPARVYLPPGYSKDKKYSVLYLLHGIGGSENDWFE
GGGRANVIADNLIAEGKIKPLIIVTPNTNAAGPGIADGYENFTKDLLNSLIPYIESNYSVYTDREHRAIAGLSMGGGQSF
NIGLTNLDKFAYIGPISAAPNTYPNERLFPDGGKAAREKLKLLFIACGTNDSLIGFGQRVHEYCVANNINHVYWLIQGGG
HDFNVWKPGLWNFLQMADEAGLTRDGNT
;
_entity_poly.pdbx_strand_id   A
#
loop_
_chem_comp.id
_chem_comp.type
_chem_comp.name
_chem_comp.formula
PT non-polymer 'PLATINUM (II) ION' 'Pt 2'
#
# COMPACT_ATOMS: atom_id res chain seq x y z
N SER A 11 -0.71 -19.19 -11.20
CA SER A 11 -0.20 -18.73 -9.88
C SER A 11 0.03 -17.23 -9.87
N LEU A 12 0.40 -16.71 -8.71
CA LEU A 12 0.67 -15.28 -8.55
C LEU A 12 2.04 -15.11 -7.93
N PRO A 13 2.72 -14.00 -8.21
CA PRO A 13 2.26 -12.91 -9.08
C PRO A 13 2.36 -13.27 -10.55
N THR A 14 1.59 -12.57 -11.38
CA THR A 14 1.62 -12.83 -12.81
C THR A 14 1.22 -11.54 -13.52
N MET A 15 1.42 -11.50 -14.83
CA MET A 15 1.05 -10.32 -15.59
C MET A 15 -0.47 -10.30 -15.71
N PRO A 16 -1.10 -9.14 -15.47
CA PRO A 16 -2.55 -9.04 -15.56
C PRO A 16 -3.11 -9.15 -16.99
N PRO A 17 -4.36 -9.60 -17.12
CA PRO A 17 -5.02 -9.76 -18.42
C PRO A 17 -5.46 -8.40 -18.96
N SER A 18 -5.52 -8.26 -20.28
CA SER A 18 -5.94 -7.00 -20.87
C SER A 18 -7.30 -6.62 -20.32
N GLY A 19 -7.49 -5.35 -20.00
CA GLY A 19 -8.77 -4.90 -19.48
C GLY A 19 -8.89 -4.86 -17.97
N TYR A 20 -7.89 -5.38 -17.25
CA TYR A 20 -7.94 -5.39 -15.79
C TYR A 20 -8.08 -3.99 -15.22
N ASP A 21 -7.61 -2.99 -15.98
CA ASP A 21 -7.66 -1.60 -15.54
C ASP A 21 -8.62 -0.74 -16.33
N GLN A 22 -9.52 -1.36 -17.08
CA GLN A 22 -10.49 -0.62 -17.87
C GLN A 22 -11.89 -0.79 -17.29
N VAL A 23 -12.71 0.25 -17.40
CA VAL A 23 -14.07 0.19 -16.87
C VAL A 23 -14.83 -0.85 -17.69
N ARG A 24 -15.44 -1.81 -17.00
CA ARG A 24 -16.18 -2.88 -17.66
C ARG A 24 -17.69 -2.73 -17.50
N ASN A 25 -18.41 -2.92 -18.60
CA ASN A 25 -19.86 -2.81 -18.58
C ASN A 25 -20.49 -3.87 -17.68
N GLY A 26 -21.34 -3.41 -16.76
CA GLY A 26 -22.01 -4.34 -15.87
C GLY A 26 -21.32 -4.54 -14.53
N VAL A 27 -20.09 -4.05 -14.42
CA VAL A 27 -19.33 -4.19 -13.16
C VAL A 27 -19.67 -3.06 -12.19
N PRO A 28 -20.17 -3.40 -10.99
CA PRO A 28 -20.51 -2.39 -9.99
C PRO A 28 -19.28 -1.54 -9.67
N ARG A 29 -19.45 -0.23 -9.60
CA ARG A 29 -18.34 0.67 -9.31
C ARG A 29 -18.37 1.22 -7.89
N GLY A 30 -17.20 1.25 -7.26
CA GLY A 30 -17.13 1.79 -5.91
C GLY A 30 -17.06 3.30 -6.04
N GLN A 31 -17.09 4.00 -4.92
CA GLN A 31 -17.03 5.46 -4.96
C GLN A 31 -15.74 5.94 -4.34
N VAL A 32 -15.14 6.95 -4.97
CA VAL A 32 -13.89 7.52 -4.46
C VAL A 32 -14.31 8.87 -3.89
N VAL A 33 -14.10 9.04 -2.59
CA VAL A 33 -14.48 10.28 -1.92
C VAL A 33 -13.28 11.04 -1.39
N ASN A 34 -13.40 12.36 -1.37
CA ASN A 34 -12.32 13.21 -0.87
C ASN A 34 -12.60 13.53 0.59
N ILE A 35 -11.59 13.39 1.44
CA ILE A 35 -11.75 13.68 2.86
C ILE A 35 -10.63 14.59 3.33
N SER A 36 -10.80 15.13 4.54
CA SER A 36 -9.78 15.96 5.14
C SER A 36 -9.81 15.62 6.62
N TYR A 37 -8.64 15.68 7.25
CA TYR A 37 -8.54 15.36 8.67
C TYR A 37 -7.48 16.24 9.33
N PHE A 38 -7.68 16.54 10.61
CA PHE A 38 -6.72 17.34 11.32
C PHE A 38 -5.54 16.46 11.71
N SER A 39 -4.33 16.93 11.43
CA SER A 39 -3.13 16.17 11.77
C SER A 39 -2.31 16.85 12.85
N THR A 40 -2.02 16.12 13.92
CA THR A 40 -1.22 16.68 15.01
C THR A 40 0.25 16.62 14.60
N ALA A 41 0.53 15.89 13.53
CA ALA A 41 1.90 15.77 13.03
C ALA A 41 2.29 17.03 12.24
N THR A 42 1.32 17.65 11.58
CA THR A 42 1.58 18.85 10.80
C THR A 42 0.84 20.06 11.35
N ASN A 43 -0.06 19.84 12.29
CA ASN A 43 -0.86 20.92 12.88
C ASN A 43 -1.61 21.66 11.78
N SER A 44 -2.15 20.89 10.85
CA SER A 44 -2.91 21.47 9.75
C SER A 44 -3.92 20.44 9.28
N THR A 45 -4.83 20.88 8.42
CA THR A 45 -5.84 19.99 7.87
C THR A 45 -5.21 19.35 6.65
N ARG A 46 -5.24 18.03 6.57
CA ARG A 46 -4.65 17.31 5.45
C ARG A 46 -5.69 16.56 4.64
N PRO A 47 -5.47 16.46 3.32
CA PRO A 47 -6.37 15.78 2.40
C PRO A 47 -6.00 14.32 2.15
N ALA A 48 -6.99 13.54 1.74
CA ALA A 48 -6.82 12.13 1.42
C ALA A 48 -8.03 11.71 0.61
N ARG A 49 -7.92 10.56 -0.06
CA ARG A 49 -9.05 10.05 -0.83
C ARG A 49 -9.34 8.65 -0.31
N VAL A 50 -10.61 8.30 -0.29
CA VAL A 50 -11.03 7.00 0.19
C VAL A 50 -11.90 6.30 -0.83
N TYR A 51 -11.50 5.08 -1.17
CA TYR A 51 -12.26 4.27 -2.12
C TYR A 51 -13.17 3.38 -1.28
N LEU A 52 -14.47 3.51 -1.48
CA LEU A 52 -15.46 2.69 -0.79
C LEU A 52 -15.93 1.68 -1.82
N PRO A 53 -15.79 0.39 -1.52
CA PRO A 53 -16.21 -0.63 -2.49
C PRO A 53 -17.69 -0.57 -2.82
N PRO A 54 -18.08 -1.11 -3.98
CA PRO A 54 -19.50 -1.07 -4.33
C PRO A 54 -20.31 -1.82 -3.27
N GLY A 55 -21.41 -1.21 -2.84
CA GLY A 55 -22.23 -1.84 -1.82
C GLY A 55 -21.82 -1.48 -0.40
N TYR A 56 -20.83 -0.60 -0.26
CA TYR A 56 -20.36 -0.18 1.04
C TYR A 56 -21.54 0.10 1.97
N SER A 57 -21.54 -0.52 3.14
CA SER A 57 -22.60 -0.31 4.12
C SER A 57 -22.01 -0.27 5.52
N LYS A 58 -22.61 0.54 6.38
CA LYS A 58 -22.14 0.68 7.75
C LYS A 58 -22.52 -0.50 8.64
N ASP A 59 -23.23 -1.46 8.07
CA ASP A 59 -23.65 -2.63 8.83
C ASP A 59 -22.58 -3.71 8.79
N LYS A 60 -21.55 -3.49 7.99
CA LYS A 60 -20.47 -4.46 7.87
C LYS A 60 -19.11 -3.81 8.03
N LYS A 61 -18.14 -4.57 8.52
CA LYS A 61 -16.78 -4.05 8.71
C LYS A 61 -15.89 -4.43 7.55
N TYR A 62 -15.00 -3.53 7.17
CA TYR A 62 -14.08 -3.77 6.06
C TYR A 62 -12.63 -3.64 6.49
N SER A 63 -11.76 -4.31 5.73
CA SER A 63 -10.33 -4.24 5.95
C SER A 63 -9.91 -2.97 5.22
N VAL A 64 -8.72 -2.46 5.51
CA VAL A 64 -8.25 -1.24 4.88
C VAL A 64 -6.83 -1.36 4.34
N LEU A 65 -6.61 -0.82 3.15
CA LEU A 65 -5.29 -0.79 2.54
C LEU A 65 -4.90 0.68 2.43
N TYR A 66 -3.74 1.03 2.97
CA TYR A 66 -3.24 2.39 2.87
C TYR A 66 -2.24 2.32 1.72
N LEU A 67 -2.59 3.00 0.62
CA LEU A 67 -1.81 3.01 -0.61
C LEU A 67 -1.11 4.36 -0.79
N LEU A 68 0.22 4.33 -0.79
CA LEU A 68 1.03 5.54 -0.87
C LEU A 68 1.62 5.89 -2.24
N HIS A 69 1.52 7.16 -2.61
CA HIS A 69 2.04 7.65 -3.89
C HIS A 69 3.53 8.01 -3.81
N GLY A 70 4.06 8.56 -4.90
CA GLY A 70 5.46 8.92 -4.97
C GLY A 70 5.81 10.38 -4.73
N ILE A 71 7.11 10.69 -4.73
CA ILE A 71 7.60 12.04 -4.47
C ILE A 71 6.92 13.10 -5.34
N GLY A 72 6.54 14.20 -4.72
CA GLY A 72 5.90 15.29 -5.43
C GLY A 72 4.48 14.93 -5.87
N GLY A 73 4.10 13.68 -5.68
CA GLY A 73 2.77 13.24 -6.08
C GLY A 73 1.67 13.68 -5.13
N SER A 74 0.50 13.06 -5.28
CA SER A 74 -0.66 13.39 -4.44
C SER A 74 -1.51 12.16 -4.20
N GLU A 75 -2.60 12.33 -3.47
CA GLU A 75 -3.50 11.22 -3.16
C GLU A 75 -4.38 10.88 -4.37
N ASN A 76 -4.19 11.61 -5.47
CA ASN A 76 -4.95 11.39 -6.69
C ASN A 76 -4.16 10.55 -7.68
N ASP A 77 -2.86 10.40 -7.45
CA ASP A 77 -2.00 9.63 -8.34
C ASP A 77 -2.47 8.20 -8.52
N TRP A 78 -2.86 7.54 -7.43
CA TRP A 78 -3.30 6.16 -7.52
C TRP A 78 -4.68 5.98 -8.15
N PHE A 79 -5.37 7.07 -8.44
CA PHE A 79 -6.68 6.98 -9.06
C PHE A 79 -6.64 7.54 -10.47
N GLU A 80 -7.30 8.67 -10.74
CA GLU A 80 -7.27 9.21 -12.09
C GLU A 80 -5.87 9.69 -12.49
N GLY A 81 -4.96 9.72 -11.52
CA GLY A 81 -3.60 10.15 -11.80
C GLY A 81 -2.79 9.11 -12.56
N GLY A 82 -3.37 7.93 -12.74
CA GLY A 82 -2.66 6.88 -13.46
C GLY A 82 -2.80 5.51 -12.82
N GLY A 83 -2.98 5.48 -11.51
CA GLY A 83 -3.12 4.21 -10.81
C GLY A 83 -4.41 3.47 -11.11
N ARG A 84 -5.50 4.21 -11.28
CA ARG A 84 -6.81 3.60 -11.54
C ARG A 84 -7.11 2.52 -10.51
N ALA A 85 -6.71 2.75 -9.27
CA ALA A 85 -6.91 1.78 -8.21
C ALA A 85 -8.36 1.33 -8.03
N ASN A 86 -9.29 2.27 -8.15
CA ASN A 86 -10.71 1.96 -8.00
C ASN A 86 -11.18 1.00 -9.08
N VAL A 87 -10.75 1.21 -10.31
CA VAL A 87 -11.15 0.35 -11.42
C VAL A 87 -10.57 -1.05 -11.22
N ILE A 88 -9.28 -1.10 -10.89
CA ILE A 88 -8.62 -2.37 -10.68
C ILE A 88 -9.31 -3.15 -9.56
N ALA A 89 -9.65 -2.45 -8.47
CA ALA A 89 -10.33 -3.09 -7.35
C ALA A 89 -11.74 -3.53 -7.75
N ASP A 90 -12.45 -2.64 -8.45
CA ASP A 90 -13.81 -2.95 -8.90
C ASP A 90 -13.85 -4.24 -9.70
N ASN A 91 -12.95 -4.35 -10.67
CA ASN A 91 -12.88 -5.52 -11.51
C ASN A 91 -12.48 -6.79 -10.77
N LEU A 92 -11.54 -6.69 -9.84
CA LEU A 92 -11.12 -7.87 -9.07
C LEU A 92 -12.26 -8.39 -8.20
N ILE A 93 -13.01 -7.47 -7.62
CA ILE A 93 -14.14 -7.85 -6.77
C ILE A 93 -15.18 -8.60 -7.62
N ALA A 94 -15.45 -8.09 -8.81
CA ALA A 94 -16.42 -8.70 -9.71
C ALA A 94 -15.99 -10.08 -10.21
N GLU A 95 -14.69 -10.31 -10.28
CA GLU A 95 -14.18 -11.59 -10.75
C GLU A 95 -14.06 -12.58 -9.60
N GLY A 96 -14.41 -12.12 -8.41
CA GLY A 96 -14.34 -12.97 -7.23
C GLY A 96 -12.92 -13.28 -6.78
N LYS A 97 -11.97 -12.47 -7.23
CA LYS A 97 -10.57 -12.67 -6.86
C LYS A 97 -10.20 -12.03 -5.51
N ILE A 98 -10.97 -11.03 -5.11
CA ILE A 98 -10.76 -10.39 -3.81
C ILE A 98 -12.11 -10.01 -3.23
N LYS A 99 -12.16 -9.88 -1.91
CA LYS A 99 -13.39 -9.46 -1.25
C LYS A 99 -13.29 -7.95 -1.17
N PRO A 100 -14.43 -7.26 -1.08
CA PRO A 100 -14.38 -5.80 -1.01
C PRO A 100 -13.58 -5.30 0.19
N LEU A 101 -12.91 -4.17 0.02
CA LEU A 101 -12.12 -3.56 1.07
C LEU A 101 -12.06 -2.07 0.79
N ILE A 102 -11.62 -1.30 1.78
CA ILE A 102 -11.50 0.15 1.63
C ILE A 102 -10.03 0.45 1.32
N ILE A 103 -9.80 1.36 0.37
CA ILE A 103 -8.44 1.75 0.00
C ILE A 103 -8.30 3.23 0.27
N VAL A 104 -7.32 3.59 1.10
CA VAL A 104 -7.09 4.97 1.46
C VAL A 104 -5.79 5.47 0.86
N THR A 105 -5.85 6.60 0.15
CA THR A 105 -4.65 7.18 -0.43
C THR A 105 -4.38 8.52 0.22
N PRO A 106 -3.36 8.57 1.09
CA PRO A 106 -3.00 9.81 1.80
C PRO A 106 -2.01 10.63 0.99
N ASN A 107 -1.71 11.82 1.50
CA ASN A 107 -0.72 12.69 0.89
C ASN A 107 0.47 12.35 1.78
N THR A 108 1.51 11.74 1.19
CA THR A 108 2.67 11.29 1.92
C THR A 108 3.71 12.29 2.39
N ASN A 109 3.58 13.56 2.00
CA ASN A 109 4.53 14.56 2.44
C ASN A 109 3.92 15.37 3.58
N ALA A 110 4.12 14.89 4.81
CA ALA A 110 3.58 15.55 5.98
C ALA A 110 4.46 16.73 6.40
N ALA A 111 4.47 17.75 5.55
CA ALA A 111 5.27 18.95 5.80
C ALA A 111 4.63 19.81 6.89
N GLY A 112 5.43 20.66 7.53
CA GLY A 112 4.91 21.51 8.58
C GLY A 112 5.95 22.41 9.21
N PRO A 113 5.61 23.07 10.34
CA PRO A 113 6.53 23.98 11.04
C PRO A 113 7.71 23.27 11.71
N GLY A 114 8.92 23.60 11.27
CA GLY A 114 10.10 23.00 11.84
C GLY A 114 10.26 21.54 11.45
N ILE A 115 9.74 21.20 10.27
CA ILE A 115 9.83 19.83 9.77
C ILE A 115 11.14 19.57 9.06
N ALA A 116 11.88 18.58 9.53
CA ALA A 116 13.15 18.25 8.89
C ALA A 116 12.85 17.46 7.61
N ASP A 117 12.06 16.39 7.76
CA ASP A 117 11.70 15.53 6.64
C ASP A 117 10.20 15.26 6.67
N GLY A 118 9.47 15.78 5.70
CA GLY A 118 8.03 15.57 5.67
C GLY A 118 7.65 14.12 5.38
N TYR A 119 8.47 13.43 4.61
CA TYR A 119 8.15 12.04 4.29
C TYR A 119 8.40 11.14 5.48
N GLU A 120 9.30 11.56 6.35
CA GLU A 120 9.61 10.81 7.56
C GLU A 120 8.53 11.12 8.59
N ASN A 121 8.11 12.39 8.62
CA ASN A 121 7.08 12.86 9.55
C ASN A 121 5.75 12.18 9.23
N PHE A 122 5.61 11.66 8.01
CA PHE A 122 4.36 11.01 7.63
C PHE A 122 4.07 9.77 8.47
N THR A 123 5.11 9.15 9.03
CA THR A 123 4.87 7.98 9.87
C THR A 123 3.96 8.36 11.03
N LYS A 124 4.25 9.48 11.67
CA LYS A 124 3.42 9.91 12.80
C LYS A 124 2.04 10.36 12.33
N ASP A 125 1.98 10.98 11.16
CA ASP A 125 0.70 11.45 10.62
C ASP A 125 -0.22 10.26 10.37
N LEU A 126 0.30 9.25 9.69
CA LEU A 126 -0.49 8.07 9.39
C LEU A 126 -0.97 7.36 10.67
N LEU A 127 -0.03 7.02 11.54
CA LEU A 127 -0.35 6.29 12.75
C LEU A 127 -1.16 7.01 13.82
N ASN A 128 -0.90 8.30 14.04
CA ASN A 128 -1.61 9.04 15.08
C ASN A 128 -2.74 9.94 14.63
N SER A 129 -2.92 10.13 13.33
CA SER A 129 -3.98 10.99 12.86
C SER A 129 -4.89 10.38 11.80
N LEU A 130 -4.29 9.93 10.69
CA LEU A 130 -5.10 9.36 9.61
C LEU A 130 -5.80 8.06 9.97
N ILE A 131 -5.06 7.07 10.47
CA ILE A 131 -5.70 5.81 10.82
C ILE A 131 -6.83 6.04 11.83
N PRO A 132 -6.58 6.80 12.90
CA PRO A 132 -7.64 7.04 13.87
C PRO A 132 -8.86 7.72 13.22
N TYR A 133 -8.62 8.60 12.26
CA TYR A 133 -9.73 9.27 11.57
C TYR A 133 -10.53 8.26 10.77
N ILE A 134 -9.84 7.44 9.98
CA ILE A 134 -10.52 6.43 9.19
C ILE A 134 -11.33 5.48 10.07
N GLU A 135 -10.72 5.02 11.16
CA GLU A 135 -11.40 4.08 12.03
C GLU A 135 -12.57 4.66 12.81
N SER A 136 -12.65 5.98 12.92
CA SER A 136 -13.76 6.58 13.63
C SER A 136 -14.83 7.10 12.66
N ASN A 137 -14.53 7.09 11.36
CA ASN A 137 -15.48 7.58 10.37
C ASN A 137 -15.99 6.55 9.37
N TYR A 138 -15.36 5.39 9.34
CA TYR A 138 -15.79 4.31 8.45
C TYR A 138 -15.90 3.00 9.23
N SER A 139 -16.69 2.07 8.71
CA SER A 139 -16.90 0.79 9.37
C SER A 139 -15.78 -0.17 9.02
N VAL A 140 -14.72 -0.17 9.82
CA VAL A 140 -13.57 -1.01 9.54
C VAL A 140 -13.02 -1.79 10.74
N TYR A 141 -12.31 -2.87 10.44
CA TYR A 141 -11.67 -3.65 11.49
C TYR A 141 -10.48 -2.80 11.92
N THR A 142 -10.05 -2.96 13.16
CA THR A 142 -8.93 -2.17 13.68
C THR A 142 -7.69 -2.98 14.08
N ASP A 143 -7.65 -4.24 13.68
CA ASP A 143 -6.52 -5.09 14.02
C ASP A 143 -5.54 -5.21 12.86
N ARG A 144 -4.32 -5.61 13.16
CA ARG A 144 -3.26 -5.76 12.16
C ARG A 144 -3.57 -6.74 11.05
N GLU A 145 -4.31 -7.79 11.37
CA GLU A 145 -4.66 -8.81 10.39
C GLU A 145 -5.61 -8.28 9.31
N HIS A 146 -6.13 -7.07 9.52
CA HIS A 146 -7.04 -6.45 8.56
C HIS A 146 -6.52 -5.09 8.09
N ARG A 147 -5.21 -4.89 8.19
CA ARG A 147 -4.61 -3.63 7.76
C ARG A 147 -3.38 -3.90 6.91
N ALA A 148 -3.35 -3.29 5.73
CA ALA A 148 -2.24 -3.46 4.80
C ALA A 148 -1.69 -2.10 4.39
N ILE A 149 -0.46 -2.10 3.90
CA ILE A 149 0.17 -0.86 3.46
C ILE A 149 1.02 -1.17 2.23
N ALA A 150 0.90 -0.34 1.21
CA ALA A 150 1.65 -0.52 -0.02
C ALA A 150 1.87 0.82 -0.69
N GLY A 151 2.77 0.87 -1.66
CA GLY A 151 3.03 2.14 -2.33
C GLY A 151 4.08 2.05 -3.41
N LEU A 152 4.22 3.14 -4.16
CA LEU A 152 5.18 3.20 -5.26
C LEU A 152 6.28 4.22 -4.96
N SER A 153 7.50 3.92 -5.43
CA SER A 153 8.65 4.80 -5.26
C SER A 153 8.82 5.29 -3.82
N MET A 154 8.78 6.59 -3.59
CA MET A 154 8.91 7.10 -2.23
C MET A 154 7.87 6.44 -1.33
N GLY A 155 6.70 6.17 -1.91
CA GLY A 155 5.62 5.53 -1.18
C GLY A 155 5.96 4.08 -0.88
N GLY A 156 6.76 3.48 -1.75
CA GLY A 156 7.18 2.10 -1.52
C GLY A 156 8.21 2.11 -0.41
N GLY A 157 9.05 3.13 -0.38
CA GLY A 157 10.04 3.24 0.67
C GLY A 157 9.35 3.40 2.00
N GLN A 158 8.28 4.19 2.04
CA GLN A 158 7.54 4.41 3.28
C GLN A 158 6.81 3.13 3.71
N SER A 159 6.41 2.31 2.74
CA SER A 159 5.72 1.06 3.05
C SER A 159 6.68 0.13 3.78
N PHE A 160 7.92 0.07 3.29
CA PHE A 160 8.97 -0.76 3.91
C PHE A 160 9.19 -0.23 5.33
N ASN A 161 9.51 1.06 5.41
CA ASN A 161 9.81 1.74 6.66
C ASN A 161 8.71 1.65 7.71
N ILE A 162 7.51 2.10 7.35
CA ILE A 162 6.40 2.09 8.28
C ILE A 162 5.95 0.67 8.61
N GLY A 163 5.76 -0.14 7.58
CA GLY A 163 5.30 -1.50 7.79
C GLY A 163 6.21 -2.40 8.61
N LEU A 164 7.48 -2.49 8.23
CA LEU A 164 8.40 -3.37 8.93
C LEU A 164 8.75 -2.94 10.35
N THR A 165 8.65 -1.65 10.64
CA THR A 165 8.95 -1.17 11.99
C THR A 165 7.68 -1.04 12.83
N ASN A 166 6.55 -1.45 12.27
CA ASN A 166 5.27 -1.42 12.96
C ASN A 166 4.48 -2.68 12.62
N LEU A 167 5.13 -3.83 12.76
CA LEU A 167 4.46 -5.08 12.45
C LEU A 167 3.30 -5.33 13.40
N ASP A 168 3.23 -4.57 14.48
CA ASP A 168 2.13 -4.69 15.42
C ASP A 168 0.88 -4.04 14.83
N LYS A 169 1.06 -3.31 13.73
CA LYS A 169 -0.06 -2.63 13.08
C LYS A 169 -0.34 -3.07 11.63
N PHE A 170 0.64 -3.68 10.98
CA PHE A 170 0.46 -4.13 9.59
C PHE A 170 0.91 -5.57 9.39
N ALA A 171 0.08 -6.36 8.73
CA ALA A 171 0.39 -7.77 8.46
C ALA A 171 0.65 -8.04 6.98
N TYR A 172 0.47 -7.02 6.15
CA TYR A 172 0.69 -7.15 4.70
C TYR A 172 1.38 -5.87 4.23
N ILE A 173 2.50 -6.03 3.53
CA ILE A 173 3.31 -4.90 3.06
C ILE A 173 3.68 -5.09 1.59
N GLY A 174 3.43 -4.08 0.77
CA GLY A 174 3.73 -4.20 -0.65
C GLY A 174 4.50 -3.04 -1.28
N PRO A 175 5.84 -3.04 -1.15
CA PRO A 175 6.64 -1.95 -1.74
C PRO A 175 6.91 -2.16 -3.22
N ILE A 176 6.50 -1.20 -4.06
CA ILE A 176 6.74 -1.30 -5.49
C ILE A 176 7.73 -0.22 -5.91
N SER A 177 8.85 -0.63 -6.52
CA SER A 177 9.87 0.30 -6.97
C SER A 177 10.32 1.21 -5.84
N ALA A 178 10.54 0.65 -4.65
CA ALA A 178 10.94 1.43 -3.48
C ALA A 178 12.13 2.35 -3.75
N ALA A 179 12.00 3.60 -3.31
CA ALA A 179 13.01 4.64 -3.48
C ALA A 179 14.11 4.60 -2.43
N PRO A 180 15.12 5.49 -2.55
CA PRO A 180 16.24 5.56 -1.60
C PRO A 180 15.91 5.87 -0.15
N ASN A 181 14.69 6.35 0.12
CA ASN A 181 14.30 6.67 1.49
C ASN A 181 14.11 5.38 2.29
N THR A 182 14.19 4.23 1.62
CA THR A 182 14.05 2.95 2.30
C THR A 182 15.16 2.83 3.34
N TYR A 183 14.80 2.53 4.58
CA TYR A 183 15.78 2.38 5.67
C TYR A 183 16.79 1.26 5.41
N PRO A 184 17.98 1.36 6.04
CA PRO A 184 19.00 0.31 5.87
C PRO A 184 18.38 -0.99 6.38
N ASN A 185 18.86 -2.14 5.91
CA ASN A 185 18.30 -3.41 6.33
C ASN A 185 18.27 -3.61 7.85
N GLU A 186 19.30 -3.14 8.54
CA GLU A 186 19.39 -3.29 9.98
C GLU A 186 18.26 -2.56 10.71
N ARG A 187 17.79 -1.47 10.12
CA ARG A 187 16.71 -0.70 10.73
C ARG A 187 15.36 -1.33 10.39
N LEU A 188 15.27 -1.96 9.21
CA LEU A 188 14.02 -2.61 8.81
C LEU A 188 13.81 -3.90 9.58
N PHE A 189 14.90 -4.59 9.91
CA PHE A 189 14.83 -5.86 10.65
C PHE A 189 15.82 -5.87 11.82
N PRO A 190 15.59 -5.01 12.82
CA PRO A 190 16.45 -4.88 14.00
C PRO A 190 16.55 -6.13 14.89
N ASP A 191 15.69 -7.11 14.64
CA ASP A 191 15.68 -8.34 15.41
C ASP A 191 16.14 -9.51 14.55
N GLY A 192 16.83 -9.20 13.46
CA GLY A 192 17.31 -10.24 12.56
C GLY A 192 16.15 -10.83 11.77
N GLY A 193 14.97 -10.20 11.89
CA GLY A 193 13.81 -10.68 11.17
C GLY A 193 12.86 -11.55 11.96
N LYS A 194 13.04 -11.62 13.28
CA LYS A 194 12.19 -12.43 14.14
C LYS A 194 10.70 -12.12 13.96
N ALA A 195 10.33 -10.87 14.20
CA ALA A 195 8.95 -10.43 14.07
C ALA A 195 8.42 -10.64 12.67
N ALA A 196 9.24 -10.35 11.67
CA ALA A 196 8.84 -10.52 10.27
C ALA A 196 8.47 -11.96 9.95
N ARG A 197 9.31 -12.91 10.35
CA ARG A 197 9.04 -14.33 10.08
C ARG A 197 7.79 -14.86 10.75
N GLU A 198 7.49 -14.37 11.94
CA GLU A 198 6.35 -14.85 12.69
C GLU A 198 5.05 -14.07 12.55
N LYS A 199 5.15 -12.77 12.32
CA LYS A 199 3.95 -11.93 12.23
C LYS A 199 3.55 -11.41 10.85
N LEU A 200 4.50 -11.26 9.95
CA LEU A 200 4.21 -10.73 8.62
C LEU A 200 3.59 -11.81 7.73
N LYS A 201 2.35 -11.56 7.30
CA LYS A 201 1.63 -12.50 6.46
C LYS A 201 2.03 -12.40 5.00
N LEU A 202 2.44 -11.21 4.57
CA LEU A 202 2.84 -11.00 3.19
C LEU A 202 3.79 -9.83 3.04
N LEU A 203 4.93 -10.08 2.41
CA LEU A 203 5.91 -9.03 2.12
C LEU A 203 6.09 -9.19 0.61
N PHE A 204 5.48 -8.27 -0.14
CA PHE A 204 5.51 -8.29 -1.60
C PHE A 204 6.37 -7.17 -2.17
N ILE A 205 7.53 -7.53 -2.72
CA ILE A 205 8.45 -6.54 -3.28
C ILE A 205 8.47 -6.68 -4.80
N ALA A 206 8.14 -5.61 -5.51
CA ALA A 206 8.11 -5.66 -6.98
C ALA A 206 8.80 -4.44 -7.60
N CYS A 207 9.33 -4.61 -8.81
CA CYS A 207 10.02 -3.52 -9.50
C CYS A 207 10.26 -3.87 -10.98
N GLY A 208 10.44 -2.85 -11.81
CA GLY A 208 10.71 -3.07 -13.22
C GLY A 208 12.21 -3.19 -13.37
N THR A 209 12.69 -4.08 -14.24
CA THR A 209 14.13 -4.25 -14.39
C THR A 209 14.87 -3.07 -14.99
N ASN A 210 14.13 -2.14 -15.60
CA ASN A 210 14.74 -0.96 -16.18
C ASN A 210 14.69 0.24 -15.26
N ASP A 211 14.16 0.03 -14.05
CA ASP A 211 14.05 1.10 -13.08
C ASP A 211 15.42 1.36 -12.42
N SER A 212 15.84 2.61 -12.43
CA SER A 212 17.13 2.97 -11.86
C SER A 212 17.21 2.70 -10.36
N LEU A 213 16.06 2.64 -9.70
CA LEU A 213 16.01 2.42 -8.27
C LEU A 213 15.90 0.96 -7.86
N ILE A 214 15.95 0.06 -8.85
CA ILE A 214 15.81 -1.37 -8.55
C ILE A 214 16.71 -1.86 -7.41
N GLY A 215 17.88 -1.24 -7.26
CA GLY A 215 18.81 -1.65 -6.22
C GLY A 215 18.33 -1.66 -4.77
N PHE A 216 17.38 -0.81 -4.43
CA PHE A 216 16.91 -0.75 -3.05
C PHE A 216 16.05 -1.95 -2.67
N GLY A 217 15.04 -2.26 -3.48
CA GLY A 217 14.22 -3.40 -3.18
C GLY A 217 15.09 -4.65 -3.28
N GLN A 218 16.08 -4.57 -4.17
CA GLN A 218 16.99 -5.68 -4.39
C GLN A 218 17.78 -6.02 -3.13
N ARG A 219 18.30 -4.99 -2.46
CA ARG A 219 19.08 -5.24 -1.25
C ARG A 219 18.21 -5.75 -0.11
N VAL A 220 16.95 -5.33 -0.06
CA VAL A 220 16.09 -5.81 1.01
C VAL A 220 15.84 -7.31 0.71
N HIS A 221 15.59 -7.63 -0.55
CA HIS A 221 15.37 -9.01 -0.97
C HIS A 221 16.56 -9.89 -0.60
N GLU A 222 17.76 -9.39 -0.89
CA GLU A 222 18.97 -10.15 -0.59
C GLU A 222 19.11 -10.40 0.91
N TYR A 223 18.73 -9.42 1.72
CA TYR A 223 18.81 -9.56 3.17
C TYR A 223 17.81 -10.64 3.62
N CYS A 224 16.61 -10.60 3.07
CA CYS A 224 15.57 -11.56 3.42
C CYS A 224 15.96 -12.98 3.05
N VAL A 225 16.70 -13.13 1.96
CA VAL A 225 17.12 -14.47 1.55
C VAL A 225 18.20 -14.96 2.51
N ALA A 226 19.17 -14.11 2.80
CA ALA A 226 20.27 -14.49 3.70
C ALA A 226 19.80 -14.73 5.13
N ASN A 227 18.70 -14.09 5.52
CA ASN A 227 18.19 -14.22 6.88
C ASN A 227 16.91 -15.05 6.99
N ASN A 228 16.63 -15.83 5.95
CA ASN A 228 15.47 -16.71 5.92
C ASN A 228 14.14 -16.03 6.25
N ILE A 229 13.87 -14.93 5.58
CA ILE A 229 12.63 -14.20 5.78
C ILE A 229 11.78 -14.40 4.55
N ASN A 230 10.65 -15.08 4.73
CA ASN A 230 9.72 -15.38 3.64
C ASN A 230 9.15 -14.12 3.01
N HIS A 231 9.15 -14.06 1.69
CA HIS A 231 8.61 -12.93 0.96
C HIS A 231 8.46 -13.28 -0.50
N VAL A 232 7.91 -12.35 -1.26
CA VAL A 232 7.74 -12.54 -2.69
C VAL A 232 8.49 -11.39 -3.36
N TYR A 233 9.42 -11.74 -4.25
CA TYR A 233 10.19 -10.72 -4.98
C TYR A 233 9.85 -10.94 -6.44
N TRP A 234 9.26 -9.92 -7.07
CA TRP A 234 8.83 -10.04 -8.45
C TRP A 234 9.34 -8.93 -9.34
N LEU A 235 10.06 -9.31 -10.39
CA LEU A 235 10.61 -8.35 -11.33
C LEU A 235 9.91 -8.36 -12.66
N ILE A 236 9.43 -7.19 -13.07
CA ILE A 236 8.77 -7.06 -14.35
C ILE A 236 9.86 -6.77 -15.37
N GLN A 237 10.08 -7.73 -16.25
CA GLN A 237 11.11 -7.63 -17.28
C GLN A 237 10.91 -6.45 -18.20
N GLY A 238 11.89 -5.55 -18.22
CA GLY A 238 11.81 -4.38 -19.08
C GLY A 238 10.96 -3.27 -18.52
N GLY A 239 10.34 -3.52 -17.36
CA GLY A 239 9.49 -2.50 -16.75
C GLY A 239 10.22 -1.25 -16.28
N GLY A 240 9.58 -0.11 -16.44
CA GLY A 240 10.19 1.15 -16.03
C GLY A 240 9.59 1.76 -14.78
N HIS A 241 9.93 3.02 -14.54
CA HIS A 241 9.44 3.75 -13.38
C HIS A 241 8.14 4.43 -13.79
N ASP A 242 7.09 3.63 -13.99
CA ASP A 242 5.81 4.17 -14.43
C ASP A 242 4.65 3.27 -14.02
N PHE A 243 3.43 3.71 -14.30
CA PHE A 243 2.26 2.93 -13.92
C PHE A 243 2.10 1.59 -14.62
N ASN A 244 2.89 1.34 -15.67
CA ASN A 244 2.80 0.05 -16.34
C ASN A 244 3.45 -1.01 -15.44
N VAL A 245 4.05 -0.55 -14.36
CA VAL A 245 4.65 -1.45 -13.37
C VAL A 245 3.85 -1.34 -12.08
N TRP A 246 3.48 -0.12 -11.72
CA TRP A 246 2.72 0.09 -10.49
C TRP A 246 1.31 -0.49 -10.53
N LYS A 247 0.65 -0.45 -11.69
CA LYS A 247 -0.70 -1.01 -11.77
C LYS A 247 -0.66 -2.52 -11.63
N PRO A 248 0.24 -3.21 -12.35
CA PRO A 248 0.30 -4.67 -12.21
C PRO A 248 0.69 -5.03 -10.78
N GLY A 249 1.50 -4.19 -10.16
CA GLY A 249 1.91 -4.42 -8.79
C GLY A 249 0.72 -4.42 -7.85
N LEU A 250 -0.14 -3.43 -7.99
CA LEU A 250 -1.34 -3.33 -7.17
C LEU A 250 -2.29 -4.50 -7.44
N TRP A 251 -2.49 -4.82 -8.71
CA TRP A 251 -3.38 -5.91 -9.11
C TRP A 251 -2.95 -7.20 -8.41
N ASN A 252 -1.65 -7.48 -8.43
CA ASN A 252 -1.13 -8.67 -7.78
C ASN A 252 -1.18 -8.59 -6.26
N PHE A 253 -0.78 -7.45 -5.70
CA PHE A 253 -0.78 -7.29 -4.24
C PHE A 253 -2.16 -7.51 -3.66
N LEU A 254 -3.19 -6.91 -4.28
CA LEU A 254 -4.55 -7.05 -3.77
C LEU A 254 -4.94 -8.52 -3.66
N GLN A 255 -4.63 -9.30 -4.70
CA GLN A 255 -4.98 -10.72 -4.68
C GLN A 255 -4.15 -11.51 -3.68
N MET A 256 -2.86 -11.24 -3.62
CA MET A 256 -2.00 -11.96 -2.70
C MET A 256 -2.28 -11.62 -1.24
N ALA A 257 -2.67 -10.38 -0.97
CA ALA A 257 -2.99 -9.97 0.38
C ALA A 257 -4.31 -10.63 0.78
N ASP A 258 -5.22 -10.73 -0.18
CA ASP A 258 -6.51 -11.35 0.08
C ASP A 258 -6.26 -12.82 0.44
N GLU A 259 -5.44 -13.50 -0.37
CA GLU A 259 -5.13 -14.90 -0.11
C GLU A 259 -4.44 -15.08 1.24
N ALA A 260 -3.61 -14.11 1.62
CA ALA A 260 -2.88 -14.15 2.89
C ALA A 260 -3.78 -13.90 4.10
N GLY A 261 -5.01 -13.44 3.87
CA GLY A 261 -5.94 -13.21 4.96
C GLY A 261 -6.39 -11.80 5.25
N LEU A 262 -6.02 -10.85 4.40
CA LEU A 262 -6.40 -9.45 4.61
C LEU A 262 -7.90 -9.21 4.79
N THR A 263 -8.71 -9.95 4.02
CA THR A 263 -10.16 -9.78 4.08
C THR A 263 -10.87 -10.90 4.83
N ARG A 264 -10.13 -11.65 5.64
CA ARG A 264 -10.71 -12.73 6.43
C ARG A 264 -11.80 -12.15 7.32
N ASP A 265 -12.94 -12.83 7.39
CA ASP A 265 -14.03 -12.35 8.23
C ASP A 265 -13.57 -12.39 9.69
PT PT B . 13.14 10.84 -2.68
#